data_5XBF
#
_entry.id   5XBF
#
_cell.length_a   69.634
_cell.length_b   42.537
_cell.length_c   118.390
_cell.angle_alpha   90.000
_cell.angle_beta   97.510
_cell.angle_gamma   90.000
#
_symmetry.space_group_name_H-M   'P 1 21 1'
#
loop_
_entity.id
_entity.type
_entity.pdbx_description
1 polymer 'Unconventional myosin-VIIb'
2 polymer Harmonin
3 non-polymer GLYCEROL
4 non-polymer D-MALATE
5 non-polymer 'ACETATE ION'
6 water water
#
loop_
_entity_poly.entity_id
_entity_poly.type
_entity_poly.pdbx_seq_one_letter_code
_entity_poly.pdbx_strand_id
1 'polypeptide(L)'
;EEPPKEKLHTLEEFSYEFFRAPEKDMVSMAVLPLARARGHLWAYSCEPLRQPLLKRVHANVDLWDIACQIFVAILRYMGD
YPSRQAWPTLELTDQIFTLALQHPALQDEVYCQILKQLTHNSNRHSEERGWQLLWLCTGLFPPSKGLLPHAQKFIDTRRG
KLLAPDCSRRIQKVLRTGPRKQPPHQVEVEAAEQNVSRICHKIYFPNDTSEMLEVVANTRVRDVCDSIATRLQLASWEGC
SLFIKISDKVISQKEGDFFFDSLREVSDWVKKNKPQKEGAPVTLPYQVYFMRKLWLNISPGKDVNADTILHYHQELPKYL
RGFHKCSREDAIHLAGLIYKAQFNNDRSQLASVPKILRELVPENLTRLMSSEEWKKSILLAYDKHKDKTVEEAKVAFLKW
ICRWPTFGSAFFEVKQTSEPSYPDVILIAINRHGVLLIHPKTKDLLTTYPFTKISSWSSGSTYFHMALGSLGRGSRLLCE
TSLGYKMDDLLTSYVQQLLSAMNKQRGSKAPALAST
;
A
2 'polypeptide(L)'
;QDFRKYEEGFDPYSMFTPEQIMGKDVRLLRIKKEGSLDLALEGGVDSPIGKVVVSAVYERGAAERHGGIVKGDEIMAING
KIVTDYTLAEAEAALQKAWNQGGDWIDLVVAVCPPKEYDDELTFF
;
B
#
loop_
_chem_comp.id
_chem_comp.type
_chem_comp.name
_chem_comp.formula
ACT non-polymer 'ACETATE ION' 'C2 H3 O2 -1'
GOL non-polymer GLYCEROL 'C3 H8 O3'
MLT non-polymer D-MALATE 'C4 H6 O5'
#
# COMPACT_ATOMS: atom_id res chain seq x y z
N LYS A 7 27.47 37.24 17.73
CA LYS A 7 27.90 35.85 17.68
C LYS A 7 26.78 34.99 17.12
N LEU A 8 25.69 34.79 17.88
CA LEU A 8 24.56 34.01 17.39
C LEU A 8 24.00 34.66 16.12
N HIS A 9 23.98 33.89 15.03
CA HIS A 9 23.51 34.42 13.76
C HIS A 9 21.99 34.52 13.74
N THR A 10 21.50 35.57 13.09
CA THR A 10 20.11 35.97 13.16
C THR A 10 19.63 36.28 11.75
N LEU A 11 18.31 36.21 11.53
CA LEU A 11 17.75 36.62 10.25
C LEU A 11 17.55 38.14 10.12
N GLU A 12 18.12 38.91 11.05
CA GLU A 12 17.94 40.36 11.04
C GLU A 12 18.37 40.96 9.70
N GLU A 13 19.62 40.74 9.29
CA GLU A 13 20.08 41.40 8.09
C GLU A 13 19.40 40.82 6.85
N PHE A 14 19.17 39.51 6.83
CA PHE A 14 18.38 38.90 5.75
C PHE A 14 17.04 39.60 5.58
N SER A 15 16.38 39.91 6.71
CA SER A 15 15.03 40.48 6.66
C SER A 15 15.00 41.83 5.96
N TYR A 16 16.10 42.58 5.96
CA TYR A 16 16.11 43.90 5.33
C TYR A 16 15.82 43.81 3.84
N GLU A 17 16.36 42.79 3.18
CA GLU A 17 16.21 42.64 1.74
C GLU A 17 15.01 41.78 1.34
N PHE A 18 14.72 40.72 2.09
CA PHE A 18 13.78 39.69 1.63
C PHE A 18 12.50 39.59 2.45
N PHE A 19 12.37 40.31 3.55
CA PHE A 19 11.17 40.23 4.38
C PHE A 19 10.14 41.29 3.99
N ARG A 20 8.89 40.98 4.33
CA ARG A 20 7.83 41.99 4.29
C ARG A 20 8.16 43.15 5.22
N ALA A 21 7.42 44.27 5.03
CA ALA A 21 7.56 45.23 6.12
C ALA A 21 6.38 45.12 7.07
N PRO A 22 6.57 45.45 8.37
CA PRO A 22 5.48 45.56 9.35
C PRO A 22 4.37 46.52 8.91
N HIS A 40 12.34 42.07 15.81
CA HIS A 40 10.92 41.88 16.09
C HIS A 40 10.29 40.89 15.10
N LEU A 41 10.29 41.24 13.81
CA LEU A 41 9.63 40.41 12.80
C LEU A 41 10.46 39.17 12.46
N TRP A 42 11.77 39.27 12.65
CA TRP A 42 12.68 38.15 12.50
C TRP A 42 12.98 37.49 13.83
N ALA A 43 12.28 37.89 14.89
CA ALA A 43 12.48 37.33 16.22
C ALA A 43 11.18 36.72 16.73
N TYR A 44 11.32 35.81 17.69
CA TYR A 44 10.21 35.04 18.23
C TYR A 44 9.07 35.94 18.68
N SER A 45 7.84 35.51 18.39
CA SER A 45 6.68 36.20 18.94
C SER A 45 5.54 35.21 19.03
N CYS A 46 4.68 35.41 20.02
CA CYS A 46 3.47 34.61 20.14
C CYS A 46 2.30 35.21 19.38
N GLU A 47 2.49 36.38 18.75
CA GLU A 47 1.43 37.02 17.97
C GLU A 47 1.35 36.35 16.60
N PRO A 48 0.17 35.88 16.20
CA PRO A 48 0.05 35.20 14.90
C PRO A 48 0.32 36.16 13.76
N LEU A 49 0.99 35.65 12.73
CA LEU A 49 1.26 36.46 11.55
C LEU A 49 -0.03 36.74 10.80
N ARG A 50 -0.06 37.89 10.13
CA ARG A 50 -1.24 38.27 9.35
C ARG A 50 -0.99 38.27 7.85
N GLN A 51 0.27 38.29 7.42
CA GLN A 51 0.69 38.09 6.03
C GLN A 51 1.99 37.30 6.06
N PRO A 52 2.46 36.76 4.93
CA PRO A 52 3.72 36.00 4.94
C PRO A 52 4.92 36.86 5.35
N LEU A 53 6.02 36.18 5.69
CA LEU A 53 7.23 36.91 6.04
C LEU A 53 8.01 37.35 4.79
N LEU A 54 8.25 36.43 3.85
CA LEU A 54 9.08 36.76 2.70
C LEU A 54 8.33 37.71 1.76
N LYS A 55 9.06 38.69 1.23
CA LYS A 55 8.43 39.62 0.31
C LYS A 55 7.92 38.92 -0.94
N ARG A 56 8.63 37.89 -1.41
CA ARG A 56 8.20 37.21 -2.62
C ARG A 56 6.99 36.31 -2.37
N VAL A 57 6.83 35.83 -1.14
CA VAL A 57 5.58 35.18 -0.76
C VAL A 57 4.51 36.22 -0.47
N HIS A 58 4.88 37.28 0.24
CA HIS A 58 3.96 38.38 0.47
C HIS A 58 3.36 38.93 -0.82
N ALA A 59 4.12 38.85 -1.92
CA ALA A 59 3.67 39.33 -3.22
C ALA A 59 2.52 38.50 -3.79
N ASN A 60 2.20 37.35 -3.19
CA ASN A 60 1.14 36.49 -3.69
C ASN A 60 0.04 36.45 -2.64
N VAL A 61 -0.98 37.29 -2.83
CA VAL A 61 -2.11 37.34 -1.90
C VAL A 61 -2.72 35.95 -1.73
N ASP A 62 -2.61 35.11 -2.76
CA ASP A 62 -3.19 33.77 -2.70
C ASP A 62 -2.44 32.85 -1.75
N LEU A 63 -1.22 33.20 -1.37
CA LEU A 63 -0.46 32.44 -0.39
C LEU A 63 -0.54 33.01 1.01
N TRP A 64 -1.22 34.14 1.19
CA TRP A 64 -1.28 34.76 2.52
C TRP A 64 -1.92 33.83 3.53
N ASP A 65 -3.02 33.18 3.16
CA ASP A 65 -3.74 32.37 4.13
C ASP A 65 -2.94 31.13 4.53
N ILE A 66 -2.32 30.46 3.57
CA ILE A 66 -1.57 29.27 3.93
C ILE A 66 -0.37 29.65 4.80
N ALA A 67 0.33 30.73 4.44
CA ALA A 67 1.47 31.15 5.23
C ALA A 67 1.09 31.41 6.68
N CYS A 68 -0.10 31.98 6.90
CA CYS A 68 -0.57 32.28 8.25
C CYS A 68 -1.07 31.05 8.99
N GLN A 69 -1.67 30.09 8.28
CA GLN A 69 -2.08 28.84 8.94
C GLN A 69 -0.87 28.00 9.32
N ILE A 70 0.16 27.98 8.48
CA ILE A 70 1.42 27.33 8.85
C ILE A 70 1.93 27.90 10.18
N PHE A 71 1.96 29.23 10.30
CA PHE A 71 2.49 29.82 11.52
C PHE A 71 1.66 29.42 12.75
N VAL A 72 0.33 29.40 12.61
CA VAL A 72 -0.52 28.99 13.73
C VAL A 72 -0.17 27.57 14.15
N ALA A 73 0.01 26.66 13.19
CA ALA A 73 0.36 25.28 13.53
C ALA A 73 1.73 25.22 14.18
N ILE A 74 2.69 25.99 13.69
CA ILE A 74 3.98 26.10 14.36
C ILE A 74 3.80 26.58 15.81
N LEU A 75 3.00 27.63 16.00
CA LEU A 75 2.71 28.13 17.35
C LEU A 75 2.08 27.05 18.22
N ARG A 76 1.10 26.32 17.67
CA ARG A 76 0.49 25.22 18.41
C ARG A 76 1.51 24.14 18.75
N TYR A 77 2.34 23.75 17.77
CA TYR A 77 3.33 22.69 18.02
C TYR A 77 4.30 23.09 19.12
N MET A 78 4.78 24.31 19.10
CA MET A 78 5.74 24.75 20.10
CA MET A 78 5.75 24.72 20.11
C MET A 78 5.11 25.08 21.44
N GLY A 79 3.78 25.04 21.55
CA GLY A 79 3.11 25.32 22.80
C GLY A 79 2.83 26.78 23.06
N ASP A 80 2.91 27.62 22.04
CA ASP A 80 2.78 29.06 22.17
C ASP A 80 1.41 29.57 21.76
N TYR A 81 0.46 28.68 21.53
CA TYR A 81 -0.88 29.07 21.12
C TYR A 81 -1.84 28.90 22.28
N PRO A 82 -2.36 29.98 22.85
CA PRO A 82 -3.16 29.87 24.08
C PRO A 82 -4.53 29.26 23.83
N SER A 83 -4.57 28.08 23.23
CA SER A 83 -5.82 27.39 22.94
C SER A 83 -6.07 26.29 23.96
N ARG A 84 -7.32 25.84 24.00
CA ARG A 84 -7.75 24.69 24.80
C ARG A 84 -7.93 23.45 23.95
N GLN A 85 -8.44 23.60 22.73
CA GLN A 85 -8.53 22.50 21.78
C GLN A 85 -7.11 22.08 21.39
N ALA A 86 -6.63 20.97 21.95
CA ALA A 86 -5.30 20.46 21.67
C ALA A 86 -5.34 19.50 20.49
N TRP A 87 -4.33 19.61 19.61
CA TRP A 87 -4.33 18.91 18.33
C TRP A 87 -3.36 17.72 18.34
N PRO A 88 -3.70 16.63 17.66
CA PRO A 88 -2.72 15.57 17.44
C PRO A 88 -1.52 16.10 16.66
N THR A 89 -0.33 15.72 17.12
CA THR A 89 0.91 16.27 16.55
C THR A 89 0.99 16.05 15.05
N LEU A 90 0.58 14.88 14.58
CA LEU A 90 0.69 14.63 13.15
C LEU A 90 -0.15 15.61 12.35
N GLU A 91 -1.28 16.04 12.90
CA GLU A 91 -2.10 17.02 12.19
C GLU A 91 -1.37 18.36 12.10
N LEU A 92 -0.62 18.72 13.14
CA LEU A 92 0.17 19.94 13.09
C LEU A 92 1.30 19.83 12.08
N THR A 93 2.04 18.73 12.09
CA THR A 93 3.14 18.63 11.13
C THR A 93 2.62 18.54 9.70
N ASP A 94 1.45 17.89 9.50
CA ASP A 94 0.82 17.90 8.18
C ASP A 94 0.52 19.33 7.74
N GLN A 95 -0.05 20.13 8.64
CA GLN A 95 -0.36 21.53 8.28
C GLN A 95 0.90 22.32 7.97
N ILE A 96 1.97 22.10 8.75
CA ILE A 96 3.17 22.91 8.59
C ILE A 96 3.84 22.64 7.24
N PHE A 97 3.84 21.37 6.79
CA PHE A 97 4.73 20.98 5.70
C PHE A 97 4.05 20.54 4.42
N THR A 98 2.77 20.14 4.45
CA THR A 98 2.20 19.50 3.26
C THR A 98 2.18 20.44 2.06
N LEU A 99 1.67 21.65 2.23
CA LEU A 99 1.56 22.53 1.08
C LEU A 99 2.90 23.12 0.64
N ALA A 100 3.88 23.18 1.54
CA ALA A 100 5.21 23.61 1.12
C ALA A 100 5.84 22.60 0.18
N LEU A 101 5.53 21.31 0.35
CA LEU A 101 6.02 20.31 -0.59
C LEU A 101 5.45 20.52 -1.98
N GLN A 102 4.16 20.85 -2.07
CA GLN A 102 3.54 21.02 -3.38
C GLN A 102 3.91 22.35 -4.01
N HIS A 103 4.00 23.40 -3.19
CA HIS A 103 4.27 24.75 -3.67
C HIS A 103 5.61 25.20 -3.10
N PRO A 104 6.72 24.90 -3.79
CA PRO A 104 8.05 25.23 -3.25
C PRO A 104 8.25 26.67 -2.87
N ALA A 105 7.44 27.58 -3.42
CA ALA A 105 7.55 28.97 -2.99
C ALA A 105 7.38 29.11 -1.50
N LEU A 106 6.68 28.17 -0.86
CA LEU A 106 6.47 28.22 0.58
C LEU A 106 7.63 27.63 1.37
N GLN A 107 8.59 26.97 0.72
CA GLN A 107 9.61 26.26 1.46
C GLN A 107 10.50 27.22 2.25
N ASP A 108 10.97 28.28 1.62
CA ASP A 108 11.74 29.27 2.37
C ASP A 108 10.90 29.93 3.45
N GLU A 109 9.61 30.13 3.17
CA GLU A 109 8.74 30.70 4.20
C GLU A 109 8.71 29.82 5.46
N VAL A 110 8.61 28.50 5.29
CA VAL A 110 8.58 27.63 6.46
C VAL A 110 9.89 27.74 7.24
N TYR A 111 11.02 27.77 6.53
CA TYR A 111 12.32 27.93 7.20
C TYR A 111 12.37 29.22 8.00
N CYS A 112 11.98 30.34 7.38
CA CYS A 112 12.05 31.62 8.08
C CYS A 112 11.09 31.66 9.25
N GLN A 113 9.93 31.01 9.14
CA GLN A 113 9.01 31.04 10.26
C GLN A 113 9.57 30.25 11.44
N ILE A 114 10.26 29.13 11.16
CA ILE A 114 10.84 28.31 12.23
C ILE A 114 12.03 29.02 12.88
N LEU A 115 12.98 29.48 12.06
CA LEU A 115 14.14 30.20 12.59
C LEU A 115 13.72 31.46 13.33
N LYS A 116 12.65 32.11 12.88
CA LYS A 116 12.10 33.24 13.62
C LYS A 116 11.76 32.80 15.05
N GLN A 117 10.99 31.71 15.19
CA GLN A 117 10.56 31.31 16.53
C GLN A 117 11.71 30.76 17.37
N LEU A 118 12.85 30.45 16.75
CA LEU A 118 14.06 30.02 17.43
C LEU A 118 14.97 31.17 17.80
N THR A 119 14.63 32.40 17.43
CA THR A 119 15.51 33.54 17.66
C THR A 119 15.02 34.37 18.82
N HIS A 120 15.87 34.51 19.86
CA HIS A 120 15.54 35.25 21.08
C HIS A 120 14.30 34.66 21.75
N ASN A 121 14.17 33.35 21.71
CA ASN A 121 13.08 32.65 22.37
C ASN A 121 13.56 32.26 23.76
N SER A 122 13.05 32.92 24.79
CA SER A 122 13.51 32.66 26.15
C SER A 122 12.69 31.62 26.89
N ASN A 123 11.77 30.89 26.21
CA ASN A 123 11.02 29.81 26.83
CA ASN A 123 11.03 29.80 26.84
C ASN A 123 11.62 28.48 26.39
N ARG A 124 12.23 27.75 27.32
CA ARG A 124 13.01 26.57 26.94
C ARG A 124 12.14 25.49 26.32
N HIS A 125 10.91 25.30 26.80
CA HIS A 125 10.05 24.29 26.16
C HIS A 125 9.77 24.66 24.72
N SER A 126 9.37 25.92 24.48
CA SER A 126 9.07 26.38 23.14
C SER A 126 10.26 26.19 22.21
N GLU A 127 11.44 26.63 22.67
CA GLU A 127 12.64 26.56 21.86
C GLU A 127 13.01 25.10 21.54
N GLU A 128 12.91 24.22 22.54
CA GLU A 128 13.16 22.80 22.30
C GLU A 128 12.25 22.27 21.19
N ARG A 129 10.97 22.64 21.27
CA ARG A 129 9.99 22.22 20.27
C ARG A 129 10.30 22.84 18.91
N GLY A 130 10.80 24.07 18.88
CA GLY A 130 11.19 24.67 17.63
C GLY A 130 12.32 23.91 16.95
N TRP A 131 13.29 23.43 17.73
CA TRP A 131 14.38 22.67 17.14
C TRP A 131 13.87 21.36 16.56
N GLN A 132 12.81 20.79 17.15
CA GLN A 132 12.22 19.58 16.58
C GLN A 132 11.65 19.86 15.21
N LEU A 133 11.02 21.04 15.05
CA LEU A 133 10.47 21.41 13.76
C LEU A 133 11.59 21.64 12.73
N LEU A 134 12.68 22.29 13.14
CA LEU A 134 13.79 22.49 12.20
C LEU A 134 14.40 21.16 11.78
N TRP A 135 14.49 20.22 12.72
CA TRP A 135 14.97 18.89 12.42
C TRP A 135 14.06 18.20 11.42
N LEU A 136 12.74 18.23 11.65
CA LEU A 136 11.80 17.69 10.68
C LEU A 136 11.96 18.36 9.33
N CYS A 137 12.04 19.68 9.32
CA CYS A 137 12.08 20.47 8.09
C CYS A 137 13.31 20.11 7.24
N THR A 138 14.49 20.04 7.88
CA THR A 138 15.70 19.74 7.12
C THR A 138 15.72 18.31 6.59
N GLY A 139 14.84 17.44 7.08
CA GLY A 139 14.65 16.13 6.47
C GLY A 139 13.74 16.13 5.25
N LEU A 140 13.10 17.25 4.94
CA LEU A 140 12.09 17.30 3.88
C LEU A 140 12.56 18.08 2.65
N PHE A 141 13.15 19.24 2.85
CA PHE A 141 13.61 20.04 1.75
C PHE A 141 14.63 21.04 2.27
N PRO A 142 15.55 21.51 1.43
CA PRO A 142 16.55 22.47 1.87
C PRO A 142 16.03 23.89 1.74
N PRO A 143 16.75 24.87 2.27
CA PRO A 143 16.48 26.27 1.88
C PRO A 143 16.87 26.49 0.43
N SER A 144 16.41 27.61 -0.13
CA SER A 144 16.85 28.03 -1.45
C SER A 144 18.30 28.54 -1.40
N LYS A 145 18.85 28.82 -2.59
CA LYS A 145 20.24 29.26 -2.70
C LYS A 145 20.52 30.46 -1.81
N GLY A 146 19.60 31.43 -1.78
CA GLY A 146 19.86 32.67 -1.05
C GLY A 146 19.72 32.56 0.45
N LEU A 147 18.87 31.64 0.92
CA LEU A 147 18.66 31.50 2.36
C LEU A 147 19.63 30.51 2.99
N LEU A 148 20.20 29.59 2.21
CA LEU A 148 21.02 28.51 2.77
C LEU A 148 22.19 29.02 3.62
N PRO A 149 23.01 29.98 3.19
CA PRO A 149 24.11 30.39 4.08
C PRO A 149 23.62 30.97 5.39
N HIS A 150 22.43 31.58 5.41
CA HIS A 150 21.88 32.11 6.66
C HIS A 150 21.37 30.99 7.56
N ALA A 151 20.69 30.00 6.98
CA ALA A 151 20.26 28.86 7.78
C ALA A 151 21.47 28.07 8.28
N GLN A 152 22.50 27.94 7.44
CA GLN A 152 23.73 27.26 7.85
C GLN A 152 24.39 27.97 9.04
N LYS A 153 24.57 29.30 8.93
CA LYS A 153 25.18 30.04 10.02
C LYS A 153 24.30 30.05 11.26
N PHE A 154 22.97 30.10 11.08
CA PHE A 154 22.06 29.98 12.22
C PHE A 154 22.33 28.70 13.01
N ILE A 155 22.45 27.57 12.29
CA ILE A 155 22.72 26.30 12.94
C ILE A 155 24.15 26.25 13.47
N ASP A 156 25.12 26.72 12.69
CA ASP A 156 26.52 26.60 13.08
C ASP A 156 26.84 27.40 14.33
N THR A 157 26.23 28.57 14.50
CA THR A 157 26.48 29.35 15.71
C THR A 157 25.72 28.84 16.91
N ARG A 158 24.89 27.81 16.75
CA ARG A 158 24.15 27.18 17.84
C ARG A 158 24.43 25.69 17.89
N ARG A 159 25.64 25.29 17.49
CA ARG A 159 25.98 23.88 17.37
C ARG A 159 25.80 23.13 18.69
N GLY A 160 25.71 23.86 19.81
CA GLY A 160 25.50 23.26 21.12
C GLY A 160 24.09 22.77 21.39
N LYS A 161 23.11 23.15 20.57
CA LYS A 161 21.77 22.63 20.73
C LYS A 161 21.73 21.17 20.32
N LEU A 162 20.91 20.39 21.02
CA LEU A 162 20.96 18.93 20.88
C LEU A 162 20.84 18.50 19.42
N LEU A 163 19.88 19.05 18.68
CA LEU A 163 19.58 18.58 17.32
C LEU A 163 20.27 19.40 16.24
N ALA A 164 21.08 20.41 16.60
CA ALA A 164 21.63 21.31 15.59
C ALA A 164 22.63 20.60 14.68
N PRO A 165 23.59 19.80 15.20
CA PRO A 165 24.50 19.12 14.27
C PRO A 165 23.80 18.25 13.26
N ASP A 166 22.71 17.58 13.66
CA ASP A 166 22.02 16.74 12.69
C ASP A 166 21.22 17.58 11.68
N CYS A 167 20.66 18.73 12.10
CA CYS A 167 20.01 19.62 11.14
C CYS A 167 20.96 20.00 10.01
N SER A 168 22.21 20.29 10.35
CA SER A 168 23.17 20.64 9.32
C SER A 168 23.43 19.45 8.38
N ARG A 169 23.61 18.26 8.94
CA ARG A 169 23.82 17.07 8.11
C ARG A 169 22.62 16.80 7.21
N ARG A 170 21.41 16.99 7.73
CA ARG A 170 20.20 16.72 6.96
C ARG A 170 20.05 17.67 5.77
N ILE A 171 20.47 18.93 5.92
CA ILE A 171 20.48 19.84 4.78
C ILE A 171 21.41 19.31 3.70
N GLN A 172 22.61 18.87 4.09
CA GLN A 172 23.54 18.27 3.14
C GLN A 172 22.91 17.07 2.44
N LYS A 173 22.20 16.21 3.19
CA LYS A 173 21.70 14.98 2.59
C LYS A 173 20.53 15.26 1.64
N VAL A 174 19.66 16.21 2.00
CA VAL A 174 18.48 16.47 1.18
C VAL A 174 18.86 17.20 -0.11
N LEU A 175 19.90 18.04 -0.08
CA LEU A 175 20.47 18.58 -1.32
C LEU A 175 21.03 17.50 -2.22
N ARG A 176 21.56 16.42 -1.64
CA ARG A 176 22.10 15.32 -2.45
C ARG A 176 21.00 14.50 -3.08
N THR A 177 20.00 14.10 -2.29
CA THR A 177 18.98 13.17 -2.77
C THR A 177 17.75 13.85 -3.36
N GLY A 178 17.58 15.15 -3.16
CA GLY A 178 16.36 15.80 -3.57
C GLY A 178 15.28 15.72 -2.50
N PRO A 179 14.20 16.48 -2.69
CA PRO A 179 13.24 16.68 -1.60
C PRO A 179 12.23 15.56 -1.45
N ARG A 180 11.72 15.42 -0.24
CA ARG A 180 10.65 14.50 0.06
C ARG A 180 9.38 14.93 -0.66
N LYS A 181 8.47 13.97 -0.84
CA LYS A 181 7.18 14.22 -1.46
C LYS A 181 6.03 14.23 -0.46
N GLN A 182 6.23 13.63 0.70
CA GLN A 182 5.21 13.54 1.73
C GLN A 182 5.73 14.16 3.02
N PRO A 183 4.84 14.73 3.83
CA PRO A 183 5.26 15.36 5.10
C PRO A 183 5.74 14.31 6.09
N PRO A 184 6.19 14.72 7.28
CA PRO A 184 6.74 13.72 8.22
C PRO A 184 5.76 12.60 8.53
N HIS A 185 6.32 11.38 8.59
CA HIS A 185 5.61 10.19 9.05
C HIS A 185 5.54 10.19 10.57
N GLN A 186 4.55 9.48 11.11
CA GLN A 186 4.39 9.45 12.56
C GLN A 186 5.65 8.94 13.26
N VAL A 187 6.41 8.08 12.59
CA VAL A 187 7.66 7.59 13.17
C VAL A 187 8.69 8.70 13.25
N GLU A 188 8.76 9.53 12.22
CA GLU A 188 9.63 10.71 12.27
C GLU A 188 9.21 11.68 13.36
N VAL A 189 7.89 11.90 13.51
CA VAL A 189 7.42 12.87 14.49
C VAL A 189 7.68 12.35 15.89
N GLU A 190 7.50 11.04 16.10
CA GLU A 190 7.71 10.53 17.45
C GLU A 190 9.20 10.64 17.84
N ALA A 191 10.11 10.44 16.90
CA ALA A 191 11.52 10.67 17.21
C ALA A 191 11.78 12.13 17.53
N ALA A 192 11.24 13.03 16.70
CA ALA A 192 11.39 14.46 16.93
C ALA A 192 10.90 14.85 18.32
N GLU A 193 9.69 14.40 18.69
CA GLU A 193 9.18 14.78 20.00
C GLU A 193 9.99 14.21 21.15
N GLN A 194 10.78 13.16 20.90
CA GLN A 194 11.69 12.62 21.91
C GLN A 194 13.06 13.29 21.88
N ASN A 195 13.27 14.24 20.96
CA ASN A 195 14.59 14.83 20.72
C ASN A 195 15.62 13.75 20.37
N VAL A 196 15.21 12.78 19.56
CA VAL A 196 16.02 11.63 19.21
C VAL A 196 16.21 11.68 17.69
N SER A 197 17.46 11.61 17.25
CA SER A 197 17.69 11.72 15.82
C SER A 197 17.90 10.37 15.13
N ARG A 198 18.07 9.29 15.88
CA ARG A 198 18.26 7.96 15.32
C ARG A 198 16.96 7.18 15.39
N ILE A 199 16.56 6.57 14.27
CA ILE A 199 15.28 5.88 14.16
C ILE A 199 15.57 4.46 13.66
N CYS A 200 15.00 3.45 14.32
CA CYS A 200 15.01 2.10 13.75
C CYS A 200 13.58 1.67 13.44
N HIS A 201 13.38 0.99 12.30
CA HIS A 201 12.07 0.49 11.94
C HIS A 201 12.15 -1.03 11.89
N LYS A 202 11.16 -1.70 12.47
CA LYS A 202 11.16 -3.16 12.42
C LYS A 202 10.79 -3.61 11.01
N ILE A 203 11.51 -4.62 10.51
CA ILE A 203 11.24 -5.30 9.25
C ILE A 203 11.01 -6.77 9.53
N TYR A 204 9.89 -7.30 9.05
CA TYR A 204 9.51 -8.71 9.24
C TYR A 204 9.86 -9.52 8.00
N PHE A 205 10.15 -10.81 8.21
CA PHE A 205 10.54 -11.70 7.14
C PHE A 205 9.57 -12.88 7.09
N PRO A 206 9.52 -13.59 5.97
CA PRO A 206 8.54 -14.67 5.81
C PRO A 206 8.77 -15.86 6.72
N ASN A 207 9.95 -16.00 7.31
CA ASN A 207 10.25 -17.09 8.24
C ASN A 207 9.91 -16.75 9.69
N ASP A 208 9.03 -15.77 9.93
CA ASP A 208 8.55 -15.46 11.27
C ASP A 208 9.69 -14.90 12.15
N THR A 209 10.59 -14.14 11.53
CA THR A 209 11.60 -13.38 12.29
C THR A 209 11.51 -11.92 11.91
N SER A 210 12.24 -11.08 12.66
CA SER A 210 12.27 -9.66 12.35
C SER A 210 13.66 -9.12 12.64
N GLU A 211 13.95 -7.96 12.05
CA GLU A 211 15.17 -7.20 12.35
C GLU A 211 14.85 -5.72 12.48
N MET A 212 15.65 -5.02 13.29
CA MET A 212 15.52 -3.57 13.38
C MET A 212 16.47 -2.91 12.39
N LEU A 213 15.93 -2.06 11.50
CA LEU A 213 16.73 -1.40 10.47
C LEU A 213 16.74 0.11 10.69
N GLU A 214 17.94 0.69 10.73
CA GLU A 214 18.08 2.13 10.91
C GLU A 214 17.68 2.87 9.63
N VAL A 215 16.86 3.91 9.77
CA VAL A 215 16.43 4.71 8.63
C VAL A 215 16.47 6.18 8.99
N VAL A 216 16.59 7.01 7.96
CA VAL A 216 16.61 8.47 8.11
C VAL A 216 15.60 9.06 7.12
N ALA A 217 15.43 10.38 7.22
CA ALA A 217 14.41 11.06 6.44
C ALA A 217 14.52 10.77 4.94
N ASN A 218 15.75 10.69 4.41
CA ASN A 218 15.94 10.50 2.97
C ASN A 218 16.34 9.07 2.60
N THR A 219 16.07 8.10 3.47
CA THR A 219 16.25 6.69 3.13
C THR A 219 15.28 6.28 2.03
N ARG A 220 15.81 5.62 0.99
CA ARG A 220 14.92 5.08 -0.04
C ARG A 220 14.64 3.61 0.24
N VAL A 221 13.49 3.14 -0.25
CA VAL A 221 13.15 1.72 -0.05
C VAL A 221 14.35 0.84 -0.40
N ARG A 222 15.01 1.14 -1.52
CA ARG A 222 16.13 0.29 -1.94
C ARG A 222 17.28 0.34 -0.96
N ASP A 223 17.46 1.47 -0.25
CA ASP A 223 18.52 1.53 0.77
C ASP A 223 18.26 0.51 1.88
N VAL A 224 17.01 0.41 2.33
CA VAL A 224 16.66 -0.58 3.35
C VAL A 224 16.97 -1.97 2.84
N CYS A 225 16.58 -2.24 1.60
CA CYS A 225 16.83 -3.57 1.02
C CYS A 225 18.32 -3.88 0.98
N ASP A 226 19.14 -2.89 0.61
CA ASP A 226 20.59 -3.11 0.58
C ASP A 226 21.10 -3.52 1.96
N SER A 227 20.65 -2.81 3.00
CA SER A 227 21.11 -3.11 4.35
C SER A 227 20.63 -4.48 4.78
N ILE A 228 19.38 -4.80 4.43
CA ILE A 228 18.82 -6.12 4.72
C ILE A 228 19.65 -7.23 4.08
N ALA A 229 19.98 -7.08 2.79
CA ALA A 229 20.76 -8.12 2.13
C ALA A 229 22.10 -8.34 2.82
N THR A 230 22.74 -7.26 3.28
CA THR A 230 23.96 -7.39 4.06
C THR A 230 23.71 -8.13 5.36
N ARG A 231 22.69 -7.71 6.10
CA ARG A 231 22.39 -8.28 7.41
C ARG A 231 22.08 -9.78 7.32
N LEU A 232 21.33 -10.16 6.29
CA LEU A 232 20.92 -11.55 6.08
C LEU A 232 21.91 -12.35 5.29
N GLN A 233 22.99 -11.70 4.81
CA GLN A 233 24.02 -12.36 4.00
C GLN A 233 23.40 -12.98 2.76
N LEU A 234 22.53 -12.21 2.10
CA LEU A 234 21.98 -12.63 0.83
C LEU A 234 23.00 -12.37 -0.26
N ALA A 235 23.06 -13.26 -1.25
CA ALA A 235 23.90 -12.99 -2.41
C ALA A 235 23.38 -11.85 -3.27
N SER A 236 22.08 -11.55 -3.19
CA SER A 236 21.47 -10.55 -4.06
C SER A 236 20.07 -10.32 -3.52
N TRP A 237 19.54 -9.12 -3.72
CA TRP A 237 18.11 -8.95 -3.46
C TRP A 237 17.33 -8.58 -4.72
N GLU A 238 17.90 -8.84 -5.89
CA GLU A 238 17.17 -8.58 -7.13
C GLU A 238 15.82 -9.28 -7.11
N GLY A 239 14.77 -8.54 -7.45
CA GLY A 239 13.40 -9.09 -7.42
C GLY A 239 12.77 -9.14 -6.05
N CYS A 240 13.46 -8.68 -5.00
CA CYS A 240 12.87 -8.53 -3.68
C CYS A 240 12.46 -7.06 -3.46
N SER A 241 11.52 -6.83 -2.52
CA SER A 241 11.26 -5.45 -2.11
C SER A 241 10.72 -5.46 -0.68
N LEU A 242 10.49 -4.26 -0.17
CA LEU A 242 9.66 -4.08 1.00
C LEU A 242 8.18 -4.10 0.60
N PHE A 243 7.36 -4.46 1.59
CA PHE A 243 5.93 -4.56 1.45
C PHE A 243 5.33 -4.00 2.72
N ILE A 244 4.16 -3.37 2.59
CA ILE A 244 3.41 -2.89 3.75
C ILE A 244 2.21 -3.81 3.96
N LYS A 245 2.15 -4.43 5.12
CA LYS A 245 0.96 -5.17 5.53
C LYS A 245 0.08 -4.24 6.36
N ILE A 246 -1.12 -3.99 5.87
CA ILE A 246 -1.96 -2.93 6.40
C ILE A 246 -3.38 -3.24 5.99
N SER A 247 -4.31 -3.13 6.93
CA SER A 247 -5.73 -3.36 6.66
C SER A 247 -5.97 -4.67 5.91
N ASP A 248 -5.25 -5.72 6.27
CA ASP A 248 -5.39 -7.05 5.63
C ASP A 248 -5.02 -7.05 4.13
N LYS A 249 -4.32 -6.02 3.65
CA LYS A 249 -3.65 -6.01 2.36
C LYS A 249 -2.15 -6.19 2.58
N VAL A 250 -1.45 -6.67 1.55
CA VAL A 250 0.03 -6.67 1.52
C VAL A 250 0.44 -6.01 0.22
N ILE A 251 1.10 -4.86 0.30
CA ILE A 251 1.26 -3.96 -0.83
C ILE A 251 2.74 -3.71 -1.06
N SER A 252 3.24 -3.94 -2.28
CA SER A 252 4.66 -3.72 -2.50
C SER A 252 5.01 -2.23 -2.46
N GLN A 253 6.22 -1.93 -2.02
CA GLN A 253 6.74 -0.56 -1.97
C GLN A 253 7.67 -0.32 -3.14
N LYS A 254 7.62 0.89 -3.70
CA LYS A 254 8.44 1.20 -4.85
C LYS A 254 9.89 1.41 -4.43
N GLU A 255 10.79 0.67 -5.08
CA GLU A 255 12.20 0.63 -4.69
C GLU A 255 12.86 2.00 -4.72
N GLY A 256 12.46 2.87 -5.65
CA GLY A 256 13.07 4.17 -5.84
C GLY A 256 12.49 5.27 -5.00
N ASP A 257 11.42 4.97 -4.27
CA ASP A 257 10.74 5.98 -3.46
C ASP A 257 11.45 6.16 -2.12
N PHE A 258 11.26 7.33 -1.50
CA PHE A 258 11.68 7.49 -0.11
C PHE A 258 10.79 6.63 0.78
N PHE A 259 11.41 5.90 1.70
CA PHE A 259 10.69 4.99 2.58
C PHE A 259 9.51 5.67 3.28
N PHE A 260 9.75 6.85 3.89
CA PHE A 260 8.65 7.49 4.59
C PHE A 260 7.62 8.09 3.65
N ASP A 261 7.99 8.41 2.41
CA ASP A 261 6.98 8.82 1.43
C ASP A 261 6.07 7.65 1.08
N SER A 262 6.68 6.48 0.87
CA SER A 262 5.91 5.29 0.51
C SER A 262 4.92 4.92 1.60
N LEU A 263 5.35 4.94 2.87
CA LEU A 263 4.45 4.59 3.98
C LEU A 263 3.20 5.46 3.98
N ARG A 264 3.39 6.78 3.83
CA ARG A 264 2.24 7.69 3.83
C ARG A 264 1.42 7.56 2.55
N GLU A 265 2.07 7.44 1.40
CA GLU A 265 1.34 7.31 0.14
C GLU A 265 0.45 6.08 0.16
N VAL A 266 0.96 4.97 0.69
CA VAL A 266 0.17 3.73 0.69
C VAL A 266 -0.96 3.83 1.73
N SER A 267 -0.65 4.36 2.91
CA SER A 267 -1.68 4.64 3.91
C SER A 267 -2.79 5.50 3.34
N ASP A 268 -2.46 6.62 2.71
CA ASP A 268 -3.49 7.46 2.12
C ASP A 268 -4.33 6.66 1.14
N TRP A 269 -3.66 5.88 0.28
CA TRP A 269 -4.36 5.09 -0.72
C TRP A 269 -5.31 4.08 -0.08
N VAL A 270 -4.85 3.37 0.95
CA VAL A 270 -5.71 2.42 1.63
C VAL A 270 -6.92 3.13 2.21
N LYS A 271 -6.70 4.29 2.84
CA LYS A 271 -7.80 5.02 3.45
C LYS A 271 -8.81 5.48 2.40
N LYS A 272 -8.35 5.88 1.21
CA LYS A 272 -9.29 6.22 0.15
C LYS A 272 -9.91 4.96 -0.46
N ASN A 273 -9.08 3.96 -0.80
CA ASN A 273 -9.61 2.74 -1.40
C ASN A 273 -10.42 1.90 -0.41
N LYS A 274 -10.25 2.11 0.89
CA LYS A 274 -11.05 1.43 1.90
C LYS A 274 -11.12 2.28 3.18
N VAL A 282 -6.75 8.64 13.66
CA VAL A 282 -6.55 7.20 13.69
C VAL A 282 -5.56 6.79 12.60
N THR A 283 -4.27 6.88 12.94
CA THR A 283 -3.23 6.32 12.08
C THR A 283 -3.37 4.79 12.02
N LEU A 284 -3.15 4.23 10.84
CA LEU A 284 -3.46 2.82 10.68
C LEU A 284 -2.30 1.95 11.16
N PRO A 285 -2.56 0.88 11.91
CA PRO A 285 -1.49 -0.06 12.24
C PRO A 285 -0.96 -0.73 10.98
N TYR A 286 0.33 -1.03 11.00
CA TYR A 286 0.95 -1.60 9.80
C TYR A 286 2.23 -2.32 10.20
N GLN A 287 2.69 -3.18 9.30
CA GLN A 287 3.97 -3.85 9.39
C GLN A 287 4.68 -3.76 8.05
N VAL A 288 6.00 -3.72 8.07
CA VAL A 288 6.81 -3.75 6.85
C VAL A 288 7.50 -5.09 6.77
N TYR A 289 7.33 -5.77 5.64
CA TYR A 289 7.96 -7.04 5.36
C TYR A 289 8.99 -6.87 4.26
N PHE A 290 10.00 -7.75 4.28
CA PHE A 290 10.93 -7.87 3.18
C PHE A 290 10.74 -9.26 2.58
N MET A 291 10.40 -9.31 1.30
CA MET A 291 10.04 -10.58 0.66
C MET A 291 10.49 -10.58 -0.79
N ARG A 292 10.47 -11.78 -1.39
CA ARG A 292 10.65 -11.85 -2.83
C ARG A 292 9.35 -11.44 -3.52
N LYS A 293 9.46 -10.55 -4.52
CA LYS A 293 8.32 -10.11 -5.32
C LYS A 293 8.28 -10.76 -6.69
N LEU A 294 9.41 -10.76 -7.37
CA LEU A 294 9.54 -11.33 -8.69
C LEU A 294 10.38 -12.60 -8.60
N TRP A 295 9.87 -13.69 -9.15
CA TRP A 295 10.56 -14.97 -9.10
C TRP A 295 11.15 -15.19 -10.48
N LEU A 296 12.34 -14.69 -10.67
CA LEU A 296 12.99 -14.76 -11.97
C LEU A 296 14.32 -15.48 -11.78
N ASN A 297 14.53 -16.51 -12.59
CA ASN A 297 15.75 -17.32 -12.55
C ASN A 297 16.08 -17.77 -11.13
N ILE A 298 15.06 -18.17 -10.37
CA ILE A 298 15.32 -18.67 -9.02
C ILE A 298 15.80 -20.11 -9.14
N SER A 299 17.04 -20.35 -8.72
CA SER A 299 17.69 -21.66 -8.76
C SER A 299 17.99 -22.08 -7.33
N PRO A 300 17.20 -22.98 -6.76
CA PRO A 300 17.39 -23.29 -5.33
C PRO A 300 18.78 -23.87 -5.12
N GLY A 301 19.41 -23.48 -4.02
CA GLY A 301 20.77 -23.85 -3.71
C GLY A 301 21.81 -22.84 -4.12
N LYS A 302 21.47 -21.90 -5.01
CA LYS A 302 22.42 -20.86 -5.40
C LYS A 302 22.61 -19.85 -4.28
N ASP A 303 21.53 -19.42 -3.63
CA ASP A 303 21.63 -18.52 -2.49
C ASP A 303 20.90 -19.22 -1.34
N VAL A 304 21.62 -20.01 -0.53
CA VAL A 304 20.93 -20.82 0.48
C VAL A 304 20.24 -19.94 1.50
N ASN A 305 20.87 -18.82 1.92
CA ASN A 305 20.21 -17.91 2.86
C ASN A 305 18.89 -17.37 2.30
N ALA A 306 18.89 -16.98 1.02
CA ALA A 306 17.65 -16.54 0.41
C ALA A 306 16.64 -17.67 0.39
N ASP A 307 17.09 -18.91 0.08
CA ASP A 307 16.17 -20.03 0.04
C ASP A 307 15.54 -20.30 1.40
N THR A 308 16.35 -20.25 2.47
CA THR A 308 15.85 -20.70 3.76
C THR A 308 15.16 -19.60 4.56
N ILE A 309 15.42 -18.33 4.25
CA ILE A 309 14.75 -17.22 4.93
C ILE A 309 13.50 -16.80 4.16
N LEU A 310 13.63 -16.66 2.84
CA LEU A 310 12.56 -16.14 2.01
C LEU A 310 11.85 -17.25 1.24
N HIS A 311 12.57 -18.02 0.40
CA HIS A 311 11.86 -18.73 -0.66
C HIS A 311 11.02 -19.87 -0.10
N TYR A 312 11.61 -20.67 0.78
CA TYR A 312 10.88 -21.79 1.35
C TYR A 312 9.62 -21.30 2.03
N HIS A 313 9.74 -20.23 2.82
CA HIS A 313 8.60 -19.79 3.62
C HIS A 313 7.57 -19.01 2.82
N GLN A 314 7.92 -18.51 1.63
CA GLN A 314 6.85 -17.96 0.79
C GLN A 314 6.14 -19.02 -0.02
N GLU A 315 6.88 -20.01 -0.53
CA GLU A 315 6.30 -21.06 -1.37
C GLU A 315 5.50 -22.08 -0.55
N LEU A 316 5.91 -22.37 0.68
CA LEU A 316 5.19 -23.35 1.50
C LEU A 316 3.70 -23.05 1.67
N PRO A 317 3.27 -21.85 2.11
CA PRO A 317 1.81 -21.65 2.25
C PRO A 317 1.06 -21.72 0.93
N LYS A 318 1.69 -21.36 -0.21
CA LYS A 318 0.96 -21.47 -1.48
C LYS A 318 0.75 -22.94 -1.85
N TYR A 319 1.75 -23.76 -1.54
CA TYR A 319 1.65 -25.20 -1.73
C TYR A 319 0.57 -25.79 -0.84
N LEU A 320 0.57 -25.41 0.45
CA LEU A 320 -0.42 -25.97 1.36
C LEU A 320 -1.84 -25.58 0.99
N ARG A 321 -2.01 -24.44 0.32
CA ARG A 321 -3.35 -24.03 -0.11
C ARG A 321 -3.89 -24.88 -1.25
N GLY A 322 -3.05 -25.70 -1.88
CA GLY A 322 -3.52 -26.57 -2.94
C GLY A 322 -3.59 -25.86 -4.29
N PHE A 323 -2.70 -24.91 -4.54
CA PHE A 323 -2.74 -24.23 -5.83
C PHE A 323 -2.07 -25.04 -6.95
N HIS A 324 -1.23 -26.03 -6.62
CA HIS A 324 -0.50 -26.77 -7.64
C HIS A 324 -1.21 -28.08 -7.93
N LYS A 325 -0.93 -28.65 -9.10
CA LYS A 325 -1.42 -29.98 -9.40
C LYS A 325 -0.41 -30.96 -8.82
N CYS A 326 -0.83 -31.70 -7.80
CA CYS A 326 0.04 -32.55 -6.99
CA CYS A 326 0.06 -32.58 -7.03
C CYS A 326 -0.58 -33.94 -6.83
N SER A 327 0.22 -34.99 -7.03
CA SER A 327 -0.28 -36.34 -6.78
C SER A 327 -0.16 -36.71 -5.29
N ARG A 328 -0.84 -37.78 -4.92
CA ARG A 328 -0.69 -38.27 -3.54
C ARG A 328 0.76 -38.61 -3.21
N GLU A 329 1.47 -39.24 -4.14
CA GLU A 329 2.86 -39.61 -3.87
C GLU A 329 3.74 -38.37 -3.82
N ASP A 330 3.45 -37.37 -4.68
CA ASP A 330 4.14 -36.09 -4.54
C ASP A 330 3.96 -35.52 -3.12
N ALA A 331 2.73 -35.53 -2.64
CA ALA A 331 2.44 -34.92 -1.35
C ALA A 331 3.11 -35.68 -0.20
N ILE A 332 3.18 -37.01 -0.30
CA ILE A 332 3.87 -37.77 0.74
C ILE A 332 5.34 -37.37 0.77
N HIS A 333 5.96 -37.29 -0.42
CA HIS A 333 7.37 -36.95 -0.47
C HIS A 333 7.64 -35.55 0.07
N LEU A 334 6.85 -34.58 -0.36
CA LEU A 334 7.10 -33.22 0.11
C LEU A 334 6.76 -33.07 1.59
N ALA A 335 5.79 -33.84 2.08
CA ALA A 335 5.45 -33.74 3.50
C ALA A 335 6.60 -34.20 4.38
N GLY A 336 7.35 -35.21 3.92
CA GLY A 336 8.54 -35.63 4.66
C GLY A 336 9.56 -34.51 4.81
N LEU A 337 9.78 -33.75 3.73
CA LEU A 337 10.71 -32.61 3.76
C LEU A 337 10.17 -31.48 4.60
N ILE A 338 8.86 -31.22 4.46
CA ILE A 338 8.24 -30.15 5.23
C ILE A 338 8.33 -30.46 6.71
N TYR A 339 8.03 -31.70 7.10
CA TYR A 339 8.13 -32.07 8.51
C TYR A 339 9.54 -31.86 9.03
N LYS A 340 10.53 -32.29 8.25
CA LYS A 340 11.92 -32.11 8.65
C LYS A 340 12.27 -30.63 8.77
N ALA A 341 11.82 -29.82 7.79
CA ALA A 341 12.13 -28.39 7.84
C ALA A 341 11.51 -27.73 9.07
N GLN A 342 10.35 -28.22 9.52
CA GLN A 342 9.66 -27.54 10.61
C GLN A 342 10.09 -28.04 11.97
N PHE A 343 10.36 -29.34 12.09
CA PHE A 343 10.55 -29.98 13.38
C PHE A 343 11.94 -30.57 13.58
N ASN A 344 12.80 -30.56 12.56
CA ASN A 344 14.16 -31.11 12.62
C ASN A 344 14.14 -32.55 13.09
N ASN A 345 14.65 -32.84 14.30
CA ASN A 345 14.76 -34.22 14.78
C ASN A 345 13.55 -34.67 15.59
N ASP A 346 12.55 -33.82 15.80
CA ASP A 346 11.50 -34.11 16.77
C ASP A 346 10.41 -34.93 16.09
N ARG A 347 10.49 -36.25 16.27
CA ARG A 347 9.55 -37.17 15.66
C ARG A 347 8.21 -37.25 16.39
N SER A 348 8.03 -36.50 17.48
CA SER A 348 6.85 -36.65 18.32
C SER A 348 5.66 -35.82 17.86
N GLN A 349 5.87 -34.87 16.95
CA GLN A 349 4.84 -33.91 16.63
C GLN A 349 3.72 -34.48 15.77
N LEU A 350 3.94 -35.60 15.10
CA LEU A 350 2.80 -36.22 14.44
C LEU A 350 1.89 -37.01 15.40
N ALA A 351 2.01 -36.80 16.72
CA ALA A 351 1.19 -37.54 17.69
C ALA A 351 -0.32 -37.33 17.49
N SER A 352 -0.72 -36.15 17.03
CA SER A 352 -2.12 -35.82 16.73
C SER A 352 -2.18 -35.34 15.28
N VAL A 353 -2.68 -36.21 14.41
CA VAL A 353 -2.78 -35.92 12.99
C VAL A 353 -3.76 -34.76 12.72
N PRO A 354 -4.98 -34.75 13.33
CA PRO A 354 -5.92 -33.64 13.04
C PRO A 354 -5.32 -32.24 13.12
N LYS A 355 -4.49 -31.95 14.12
CA LYS A 355 -3.85 -30.64 14.07
C LYS A 355 -2.91 -30.58 12.88
N ILE A 356 -1.88 -31.40 12.91
CA ILE A 356 -0.68 -31.04 12.17
C ILE A 356 -0.80 -31.27 10.68
N LEU A 357 -1.76 -32.11 10.23
CA LEU A 357 -1.79 -32.47 8.82
C LEU A 357 -1.93 -31.26 7.92
N ARG A 358 -2.66 -30.23 8.38
CA ARG A 358 -2.85 -29.02 7.57
C ARG A 358 -1.55 -28.26 7.29
N GLU A 359 -0.51 -28.51 8.09
CA GLU A 359 0.78 -27.86 7.87
C GLU A 359 1.71 -28.68 7.00
N LEU A 360 1.29 -29.87 6.58
CA LEU A 360 2.14 -30.82 5.88
C LEU A 360 1.62 -31.22 4.52
N VAL A 361 0.30 -31.16 4.29
CA VAL A 361 -0.32 -31.72 3.09
C VAL A 361 -1.23 -30.68 2.46
N PRO A 362 -1.20 -30.48 1.14
CA PRO A 362 -2.12 -29.51 0.51
C PRO A 362 -3.60 -29.78 0.83
N GLU A 363 -4.36 -28.70 0.96
CA GLU A 363 -5.70 -28.90 1.52
C GLU A 363 -6.64 -29.65 0.56
N ASN A 364 -6.36 -29.69 -0.74
CA ASN A 364 -7.19 -30.43 -1.68
C ASN A 364 -6.92 -31.94 -1.63
N LEU A 365 -5.84 -32.36 -0.95
CA LEU A 365 -5.44 -33.77 -0.96
C LEU A 365 -5.65 -34.48 0.36
N THR A 366 -6.06 -33.79 1.42
CA THR A 366 -6.04 -34.48 2.70
C THR A 366 -7.09 -35.59 2.75
N ARG A 367 -8.18 -35.47 1.98
CA ARG A 367 -9.21 -36.50 1.90
C ARG A 367 -8.73 -37.81 1.27
N LEU A 368 -7.57 -37.79 0.59
CA LEU A 368 -7.15 -38.93 -0.22
C LEU A 368 -6.84 -40.17 0.61
N MET A 369 -6.44 -39.98 1.87
CA MET A 369 -6.18 -41.13 2.73
CA MET A 369 -6.05 -41.08 2.75
C MET A 369 -6.51 -40.73 4.16
N SER A 370 -6.70 -41.75 4.99
CA SER A 370 -7.10 -41.53 6.37
C SER A 370 -5.95 -40.95 7.19
N SER A 371 -6.26 -40.53 8.41
CA SER A 371 -5.26 -39.85 9.25
C SER A 371 -4.07 -40.75 9.53
N GLU A 372 -4.31 -41.99 9.90
CA GLU A 372 -3.20 -42.88 10.23
C GLU A 372 -2.39 -43.25 8.99
N GLU A 373 -3.03 -43.30 7.84
CA GLU A 373 -2.29 -43.61 6.61
C GLU A 373 -1.40 -42.44 6.21
N TRP A 374 -1.92 -41.20 6.37
CA TRP A 374 -1.04 -40.04 6.19
C TRP A 374 0.15 -40.09 7.17
N LYS A 375 -0.13 -40.34 8.46
CA LYS A 375 0.94 -40.35 9.45
C LYS A 375 2.00 -41.39 9.11
N LYS A 376 1.58 -42.63 8.83
CA LYS A 376 2.52 -43.70 8.48
C LYS A 376 3.37 -43.32 7.27
N SER A 377 2.74 -42.77 6.23
CA SER A 377 3.46 -42.45 4.99
C SER A 377 4.43 -41.31 5.18
N ILE A 378 4.00 -40.27 5.89
CA ILE A 378 4.84 -39.10 6.16
C ILE A 378 6.02 -39.49 7.06
N LEU A 379 5.78 -40.31 8.09
CA LEU A 379 6.89 -40.71 8.94
C LEU A 379 7.93 -41.50 8.16
N LEU A 380 7.48 -42.40 7.28
CA LEU A 380 8.44 -43.16 6.48
C LEU A 380 9.26 -42.23 5.59
N ALA A 381 8.62 -41.21 5.01
CA ALA A 381 9.35 -40.27 4.17
C ALA A 381 10.29 -39.41 5.00
N TYR A 382 9.80 -38.92 6.14
CA TYR A 382 10.63 -38.07 7.00
C TYR A 382 11.88 -38.79 7.48
N ASP A 383 11.74 -40.07 7.77
CA ASP A 383 12.87 -40.81 8.34
C ASP A 383 14.04 -40.87 7.37
N LYS A 384 13.81 -40.62 6.08
CA LYS A 384 14.92 -40.55 5.13
C LYS A 384 15.79 -39.32 5.31
N HIS A 385 15.38 -38.35 6.11
CA HIS A 385 16.11 -37.08 6.22
C HIS A 385 16.94 -36.97 7.50
N LYS A 386 17.22 -38.10 8.17
CA LYS A 386 17.92 -38.06 9.46
C LYS A 386 19.25 -37.32 9.36
N ASP A 387 19.96 -37.50 8.24
CA ASP A 387 21.28 -36.89 8.08
C ASP A 387 21.23 -35.54 7.35
N LYS A 388 20.06 -35.03 7.03
CA LYS A 388 19.95 -33.69 6.45
C LYS A 388 19.85 -32.66 7.56
N THR A 389 20.28 -31.44 7.26
CA THR A 389 19.92 -30.30 8.11
C THR A 389 18.55 -29.76 7.72
N VAL A 390 18.00 -28.91 8.60
CA VAL A 390 16.79 -28.16 8.27
C VAL A 390 16.97 -27.38 6.97
N GLU A 391 18.12 -26.72 6.83
CA GLU A 391 18.40 -25.91 5.65
C GLU A 391 18.40 -26.77 4.39
N GLU A 392 19.06 -27.93 4.48
CA GLU A 392 19.07 -28.85 3.35
C GLU A 392 17.67 -29.32 2.98
N ALA A 393 16.80 -29.54 3.97
CA ALA A 393 15.43 -29.97 3.67
C ALA A 393 14.65 -28.87 2.95
N LYS A 394 14.84 -27.62 3.37
CA LYS A 394 14.15 -26.51 2.71
C LYS A 394 14.60 -26.36 1.26
N VAL A 395 15.91 -26.46 1.02
CA VAL A 395 16.42 -26.36 -0.35
C VAL A 395 15.90 -27.54 -1.19
N ALA A 396 15.89 -28.75 -0.61
CA ALA A 396 15.39 -29.91 -1.37
C ALA A 396 13.92 -29.74 -1.73
N PHE A 397 13.11 -29.19 -0.81
CA PHE A 397 11.70 -28.91 -1.09
C PHE A 397 11.60 -27.97 -2.30
N LEU A 398 12.37 -26.90 -2.28
CA LEU A 398 12.34 -25.96 -3.39
C LEU A 398 12.83 -26.60 -4.69
N LYS A 399 13.90 -27.37 -4.63
CA LYS A 399 14.44 -27.98 -5.86
C LYS A 399 13.41 -28.87 -6.52
N TRP A 400 12.62 -29.57 -5.70
CA TRP A 400 11.68 -30.55 -6.24
C TRP A 400 10.48 -29.89 -6.93
N ILE A 401 10.15 -28.64 -6.57
CA ILE A 401 8.98 -27.96 -7.12
C ILE A 401 9.34 -26.80 -8.04
N CYS A 402 10.61 -26.41 -8.14
CA CYS A 402 10.95 -25.13 -8.77
C CYS A 402 10.73 -25.11 -10.28
N ARG A 403 10.57 -26.26 -10.94
CA ARG A 403 10.30 -26.28 -12.37
C ARG A 403 8.80 -26.38 -12.68
N TRP A 404 7.95 -26.50 -11.66
CA TRP A 404 6.50 -26.49 -11.87
C TRP A 404 6.08 -25.16 -12.50
N PRO A 405 5.14 -25.17 -13.42
CA PRO A 405 4.72 -23.90 -14.06
C PRO A 405 4.07 -22.92 -13.09
N THR A 406 3.61 -23.40 -11.93
CA THR A 406 3.00 -22.58 -10.90
C THR A 406 3.96 -22.25 -9.77
N PHE A 407 5.21 -22.69 -9.85
CA PHE A 407 6.20 -22.28 -8.86
C PHE A 407 6.43 -20.78 -8.99
N GLY A 408 6.77 -20.11 -7.90
CA GLY A 408 7.22 -18.73 -8.12
C GLY A 408 6.12 -17.80 -8.58
N SER A 409 4.93 -17.91 -8.01
CA SER A 409 3.76 -17.19 -8.51
C SER A 409 3.06 -16.42 -7.39
N ALA A 410 2.37 -15.36 -7.79
CA ALA A 410 1.30 -14.79 -6.98
C ALA A 410 -0.02 -15.36 -7.48
N PHE A 411 -0.93 -15.62 -6.55
CA PHE A 411 -2.20 -16.24 -6.89
C PHE A 411 -3.38 -15.34 -6.57
N PHE A 412 -4.45 -15.50 -7.33
CA PHE A 412 -5.67 -14.69 -7.23
C PHE A 412 -6.84 -15.60 -7.56
N GLU A 413 -7.84 -15.64 -6.69
CA GLU A 413 -9.09 -16.32 -7.00
C GLU A 413 -10.06 -15.27 -7.48
N VAL A 414 -10.69 -15.50 -8.63
CA VAL A 414 -11.49 -14.48 -9.29
C VAL A 414 -12.74 -15.13 -9.86
N LYS A 415 -13.75 -14.29 -10.14
CA LYS A 415 -14.91 -14.71 -10.92
C LYS A 415 -14.69 -14.20 -12.34
N GLN A 416 -14.41 -15.11 -13.27
CA GLN A 416 -14.22 -14.69 -14.65
C GLN A 416 -15.58 -14.64 -15.34
N THR A 417 -15.73 -13.65 -16.24
CA THR A 417 -16.99 -13.42 -16.94
C THR A 417 -16.82 -13.46 -18.45
N SER A 418 -15.66 -13.89 -18.95
CA SER A 418 -15.37 -13.84 -20.37
C SER A 418 -15.41 -15.18 -21.08
N GLU A 419 -15.39 -16.30 -20.36
CA GLU A 419 -15.25 -17.62 -20.99
C GLU A 419 -16.31 -18.62 -20.49
N PRO A 420 -17.42 -18.78 -21.20
CA PRO A 420 -18.46 -19.74 -20.80
C PRO A 420 -17.97 -21.17 -20.53
N SER A 421 -16.94 -21.64 -21.22
CA SER A 421 -16.55 -23.02 -21.04
C SER A 421 -15.65 -23.23 -19.82
N TYR A 422 -15.20 -22.11 -19.15
CA TYR A 422 -14.50 -22.25 -17.88
C TYR A 422 -15.48 -22.15 -16.73
N PRO A 423 -15.17 -22.75 -15.57
CA PRO A 423 -15.97 -22.49 -14.37
C PRO A 423 -16.02 -20.99 -14.08
N ASP A 424 -17.12 -20.55 -13.44
CA ASP A 424 -17.24 -19.14 -13.01
C ASP A 424 -16.02 -18.69 -12.21
N VAL A 425 -15.64 -19.45 -11.20
CA VAL A 425 -14.49 -19.10 -10.36
C VAL A 425 -13.27 -19.84 -10.87
N ILE A 426 -12.19 -19.10 -11.12
CA ILE A 426 -10.94 -19.71 -11.54
C ILE A 426 -9.81 -19.16 -10.66
N LEU A 427 -8.69 -19.86 -10.71
CA LEU A 427 -7.48 -19.44 -10.03
C LEU A 427 -6.52 -18.87 -11.07
N ILE A 428 -5.88 -17.75 -10.73
CA ILE A 428 -4.97 -17.09 -11.64
C ILE A 428 -3.59 -17.03 -11.00
N ALA A 429 -2.56 -17.41 -11.75
CA ALA A 429 -1.19 -17.28 -11.27
C ALA A 429 -0.47 -16.28 -12.15
N ILE A 430 0.32 -15.38 -11.55
CA ILE A 430 1.16 -14.47 -12.30
C ILE A 430 2.61 -14.78 -11.93
N ASN A 431 3.45 -15.04 -12.93
CA ASN A 431 4.81 -15.44 -12.62
C ASN A 431 5.69 -15.12 -13.82
N ARG A 432 6.92 -15.68 -13.81
CA ARG A 432 7.87 -15.53 -14.92
C ARG A 432 7.24 -15.88 -16.27
N HIS A 433 6.27 -16.78 -16.28
CA HIS A 433 5.74 -17.26 -17.56
C HIS A 433 4.62 -16.37 -18.10
N GLY A 434 4.19 -15.36 -17.37
CA GLY A 434 3.01 -14.60 -17.78
C GLY A 434 1.85 -14.86 -16.84
N VAL A 435 0.64 -15.03 -17.39
CA VAL A 435 -0.55 -15.22 -16.60
C VAL A 435 -1.14 -16.59 -16.89
N LEU A 436 -1.35 -17.37 -15.83
CA LEU A 436 -1.89 -18.73 -15.96
C LEU A 436 -3.29 -18.75 -15.40
N LEU A 437 -4.20 -19.42 -16.12
CA LEU A 437 -5.57 -19.64 -15.67
C LEU A 437 -5.66 -21.10 -15.27
N ILE A 438 -6.16 -21.36 -14.07
CA ILE A 438 -6.09 -22.71 -13.49
C ILE A 438 -7.49 -23.14 -13.05
N HIS A 439 -7.83 -24.39 -13.34
CA HIS A 439 -9.11 -24.93 -12.84
C HIS A 439 -9.02 -25.21 -11.34
N PRO A 440 -9.84 -24.59 -10.50
CA PRO A 440 -9.65 -24.77 -9.06
C PRO A 440 -9.91 -26.19 -8.56
N LYS A 441 -10.74 -26.97 -9.25
CA LYS A 441 -11.03 -28.33 -8.81
C LYS A 441 -9.94 -29.29 -9.24
N THR A 442 -9.64 -29.34 -10.55
CA THR A 442 -8.66 -30.32 -11.04
C THR A 442 -7.22 -29.84 -10.92
N LYS A 443 -7.00 -28.53 -10.75
CA LYS A 443 -5.69 -27.88 -10.76
C LYS A 443 -5.01 -27.90 -12.13
N ASP A 444 -5.72 -28.33 -13.18
CA ASP A 444 -5.19 -28.25 -14.52
C ASP A 444 -5.06 -26.81 -15.01
N LEU A 445 -4.06 -26.61 -15.85
CA LEU A 445 -3.83 -25.32 -16.50
C LEU A 445 -4.86 -25.15 -17.60
N LEU A 446 -5.76 -24.17 -17.45
CA LEU A 446 -6.74 -23.94 -18.51
C LEU A 446 -6.06 -23.32 -19.72
N THR A 447 -5.21 -22.32 -19.50
CA THR A 447 -4.50 -21.66 -20.59
C THR A 447 -3.41 -20.79 -19.97
N THR A 448 -2.44 -20.40 -20.82
CA THR A 448 -1.34 -19.51 -20.45
C THR A 448 -1.35 -18.28 -21.36
N TYR A 449 -1.31 -17.08 -20.77
CA TYR A 449 -1.06 -15.82 -21.47
C TYR A 449 0.42 -15.47 -21.30
N PRO A 450 1.31 -15.84 -22.23
CA PRO A 450 2.72 -15.45 -22.09
C PRO A 450 2.88 -13.95 -22.25
N PHE A 451 3.88 -13.42 -21.56
CA PHE A 451 4.24 -12.01 -21.73
C PHE A 451 4.45 -11.67 -23.20
N THR A 452 5.06 -12.58 -23.95
CA THR A 452 5.34 -12.30 -25.36
C THR A 452 4.07 -12.20 -26.20
N LYS A 453 2.89 -12.43 -25.63
CA LYS A 453 1.66 -12.34 -26.38
C LYS A 453 0.62 -11.42 -25.75
N ILE A 454 0.83 -10.96 -24.52
CA ILE A 454 -0.12 -10.03 -23.91
C ILE A 454 0.05 -8.66 -24.56
N SER A 455 -1.05 -8.11 -25.06
CA SER A 455 -0.95 -6.81 -25.70
C SER A 455 -1.44 -5.68 -24.81
N SER A 456 -2.23 -5.96 -23.78
CA SER A 456 -2.70 -4.90 -22.88
C SER A 456 -3.37 -5.51 -21.66
N TRP A 457 -3.45 -4.70 -20.61
CA TRP A 457 -4.26 -5.06 -19.45
C TRP A 457 -4.69 -3.79 -18.76
N SER A 458 -5.77 -3.89 -17.99
CA SER A 458 -6.22 -2.74 -17.22
C SER A 458 -6.98 -3.22 -16.01
N SER A 459 -7.16 -2.32 -15.05
CA SER A 459 -7.80 -2.74 -13.81
C SER A 459 -8.63 -1.60 -13.26
N GLY A 460 -9.63 -1.97 -12.50
CA GLY A 460 -10.35 -1.04 -11.68
C GLY A 460 -10.33 -1.60 -10.28
N SER A 461 -11.12 -1.05 -9.38
CA SER A 461 -11.19 -1.57 -8.02
CA SER A 461 -11.15 -1.60 -8.03
C SER A 461 -12.03 -2.84 -7.93
N THR A 462 -12.83 -3.14 -8.95
CA THR A 462 -13.66 -4.33 -8.96
C THR A 462 -13.33 -5.32 -10.07
N TYR A 463 -12.37 -5.05 -10.94
CA TYR A 463 -12.17 -5.95 -12.08
C TYR A 463 -10.75 -5.88 -12.58
N PHE A 464 -10.38 -6.87 -13.40
CA PHE A 464 -9.11 -6.92 -14.11
C PHE A 464 -9.41 -7.43 -15.50
N HIS A 465 -8.77 -6.84 -16.52
CA HIS A 465 -8.98 -7.24 -17.90
C HIS A 465 -7.62 -7.37 -18.58
N MET A 466 -7.51 -8.34 -19.48
CA MET A 466 -6.27 -8.53 -20.21
C MET A 466 -6.62 -8.95 -21.63
N ALA A 467 -5.81 -8.48 -22.58
CA ALA A 467 -6.01 -8.77 -24.01
C ALA A 467 -4.77 -9.43 -24.59
N LEU A 468 -5.00 -10.45 -25.42
CA LEU A 468 -3.96 -11.25 -26.07
C LEU A 468 -4.19 -11.18 -27.57
N GLY A 469 -3.12 -10.93 -28.33
CA GLY A 469 -3.17 -10.90 -29.77
C GLY A 469 -4.31 -10.01 -30.28
N SER A 470 -4.79 -10.36 -31.47
CA SER A 470 -5.91 -9.64 -32.07
C SER A 470 -7.24 -10.23 -31.62
N GLY A 474 -7.42 -13.51 -31.30
CA GLY A 474 -6.74 -13.55 -30.02
C GLY A 474 -7.60 -14.06 -28.87
N SER A 475 -7.53 -13.40 -27.72
CA SER A 475 -8.37 -13.77 -26.59
C SER A 475 -8.33 -12.66 -25.55
N ARG A 476 -9.42 -12.56 -24.78
CA ARG A 476 -9.61 -11.58 -23.72
C ARG A 476 -10.00 -12.29 -22.44
N LEU A 477 -9.50 -11.80 -21.33
CA LEU A 477 -9.89 -12.23 -20.01
C LEU A 477 -10.52 -11.05 -19.30
N LEU A 478 -11.69 -11.26 -18.69
CA LEU A 478 -12.32 -10.26 -17.84
C LEU A 478 -12.73 -10.97 -16.56
N CYS A 479 -12.40 -10.37 -15.42
CA CYS A 479 -12.74 -11.06 -14.19
C CYS A 479 -13.03 -10.04 -13.09
N GLU A 480 -13.82 -10.48 -12.11
CA GLU A 480 -14.14 -9.70 -10.95
C GLU A 480 -13.12 -10.04 -9.87
N THR A 481 -12.47 -9.01 -9.33
CA THR A 481 -11.44 -9.19 -8.32
C THR A 481 -11.27 -7.85 -7.62
N SER A 482 -10.86 -7.88 -6.35
CA SER A 482 -10.46 -6.64 -5.70
C SER A 482 -8.98 -6.41 -5.79
N LEU A 483 -8.25 -7.29 -6.49
CA LEU A 483 -6.79 -7.26 -6.47
C LEU A 483 -6.22 -6.87 -7.84
N GLY A 484 -7.00 -6.18 -8.67
CA GLY A 484 -6.48 -5.72 -9.96
C GLY A 484 -5.22 -4.89 -9.82
N TYR A 485 -5.17 -4.00 -8.81
CA TYR A 485 -4.01 -3.14 -8.65
C TYR A 485 -2.75 -3.99 -8.43
N LYS A 486 -2.90 -5.13 -7.74
CA LYS A 486 -1.76 -6.00 -7.49
C LYS A 486 -1.36 -6.76 -8.75
N MET A 487 -2.34 -7.28 -9.49
CA MET A 487 -2.04 -7.92 -10.76
C MET A 487 -1.35 -6.95 -11.69
N ASP A 488 -1.87 -5.72 -11.75
CA ASP A 488 -1.23 -4.69 -12.57
CA ASP A 488 -1.24 -4.69 -12.58
C ASP A 488 0.21 -4.47 -12.16
N ASP A 489 0.44 -4.27 -10.86
CA ASP A 489 1.80 -4.02 -10.42
CA ASP A 489 1.79 -4.06 -10.33
C ASP A 489 2.72 -5.18 -10.78
N LEU A 490 2.29 -6.43 -10.59
CA LEU A 490 3.17 -7.56 -10.90
C LEU A 490 3.44 -7.67 -12.40
N LEU A 491 2.40 -7.53 -13.24
CA LEU A 491 2.62 -7.56 -14.68
C LEU A 491 3.57 -6.46 -15.13
N THR A 492 3.34 -5.22 -14.66
CA THR A 492 4.24 -4.12 -15.00
C THR A 492 5.66 -4.41 -14.57
N SER A 493 5.83 -4.97 -13.36
CA SER A 493 7.15 -5.22 -12.80
C SER A 493 7.89 -6.32 -13.57
N TYR A 494 7.17 -7.39 -13.92
CA TYR A 494 7.78 -8.47 -14.70
C TYR A 494 8.17 -7.97 -16.09
N VAL A 495 7.27 -7.26 -16.75
CA VAL A 495 7.60 -6.73 -18.09
C VAL A 495 8.82 -5.80 -18.02
N GLN A 496 8.87 -4.93 -17.01
CA GLN A 496 10.00 -3.99 -16.89
C GLN A 496 11.31 -4.74 -16.66
N GLN A 497 11.27 -5.79 -15.85
CA GLN A 497 12.48 -6.55 -15.55
C GLN A 497 12.92 -7.38 -16.75
N LEU A 498 11.99 -7.88 -17.55
CA LEU A 498 12.37 -8.64 -18.73
C LEU A 498 12.95 -7.71 -19.80
N LEU A 499 12.45 -6.48 -19.89
CA LEU A 499 12.98 -5.51 -20.85
C LEU A 499 14.39 -5.06 -20.48
N SER A 500 14.74 -5.11 -19.19
CA SER A 500 16.06 -4.69 -18.76
C SER A 500 17.02 -5.88 -18.62
N LYS B 5 -32.57 -3.20 -0.67
CA LYS B 5 -33.49 -2.20 -1.21
C LYS B 5 -33.74 -1.01 -0.25
N TYR B 6 -34.50 -0.02 -0.74
CA TYR B 6 -35.03 1.08 0.07
C TYR B 6 -36.46 1.44 -0.30
N GLU B 7 -37.02 0.82 -1.33
CA GLU B 7 -38.47 0.76 -1.54
C GLU B 7 -38.83 -0.67 -1.91
N GLU B 8 -39.80 -1.24 -1.19
CA GLU B 8 -40.10 -2.66 -1.32
C GLU B 8 -40.91 -2.96 -2.58
N GLY B 9 -41.70 -2.01 -3.05
CA GLY B 9 -42.65 -2.24 -4.11
C GLY B 9 -42.12 -2.16 -5.52
N PHE B 10 -40.80 -2.12 -5.67
CA PHE B 10 -40.20 -1.91 -6.98
C PHE B 10 -40.21 -3.22 -7.77
N ASP B 11 -40.70 -3.17 -9.00
CA ASP B 11 -40.60 -4.33 -9.91
C ASP B 11 -39.65 -3.97 -11.04
N PRO B 12 -38.46 -4.57 -11.10
CA PRO B 12 -37.54 -4.31 -12.22
C PRO B 12 -38.17 -4.50 -13.60
N TYR B 13 -39.08 -5.47 -13.75
CA TYR B 13 -39.64 -5.77 -15.07
C TYR B 13 -40.50 -4.64 -15.60
N SER B 14 -40.93 -3.74 -14.73
CA SER B 14 -41.74 -2.62 -15.14
C SER B 14 -40.92 -1.49 -15.73
N MET B 15 -39.60 -1.52 -15.55
CA MET B 15 -38.71 -0.46 -16.03
C MET B 15 -37.67 -0.95 -17.03
N PHE B 16 -37.31 -2.23 -16.98
CA PHE B 16 -36.32 -2.81 -17.87
C PHE B 16 -36.93 -3.93 -18.69
N THR B 17 -36.37 -4.18 -19.86
CA THR B 17 -36.74 -5.41 -20.54
C THR B 17 -35.95 -6.56 -19.92
N PRO B 18 -36.42 -7.78 -20.08
CA PRO B 18 -35.73 -8.89 -19.45
C PRO B 18 -34.30 -9.01 -19.88
N GLU B 19 -34.00 -8.73 -21.17
CA GLU B 19 -32.63 -8.77 -21.62
C GLU B 19 -31.75 -7.86 -20.78
N GLN B 20 -32.29 -6.73 -20.33
CA GLN B 20 -31.47 -5.76 -19.58
C GLN B 20 -31.18 -6.21 -18.16
N ILE B 21 -31.98 -7.13 -17.59
CA ILE B 21 -31.76 -7.50 -16.21
C ILE B 21 -31.40 -8.97 -16.03
N MET B 22 -31.22 -9.71 -17.12
CA MET B 22 -30.89 -11.13 -17.05
C MET B 22 -29.76 -11.39 -16.07
N GLY B 23 -30.03 -12.20 -15.04
CA GLY B 23 -29.02 -12.60 -14.08
C GLY B 23 -28.70 -11.57 -13.02
N LYS B 24 -29.42 -10.45 -12.99
CA LYS B 24 -29.12 -9.37 -12.05
C LYS B 24 -30.18 -9.32 -10.96
N ASP B 25 -29.75 -8.91 -9.78
CA ASP B 25 -30.61 -8.76 -8.61
C ASP B 25 -30.85 -7.26 -8.48
N VAL B 26 -31.94 -6.77 -9.07
CA VAL B 26 -32.15 -5.34 -9.28
C VAL B 26 -33.05 -4.80 -8.17
N ARG B 27 -32.61 -3.73 -7.50
CA ARG B 27 -33.31 -3.16 -6.35
C ARG B 27 -33.34 -1.65 -6.48
N LEU B 28 -34.28 -1.04 -5.76
CA LEU B 28 -34.41 0.41 -5.77
C LEU B 28 -33.96 0.94 -4.42
N LEU B 29 -33.07 1.93 -4.46
CA LEU B 29 -32.60 2.67 -3.29
C LEU B 29 -33.07 4.11 -3.35
N ARG B 30 -33.63 4.60 -2.24
CA ARG B 30 -33.92 6.02 -2.03
C ARG B 30 -32.91 6.55 -1.02
N ILE B 31 -32.12 7.54 -1.42
CA ILE B 31 -31.06 8.07 -0.56
C ILE B 31 -31.41 9.50 -0.19
N LYS B 32 -31.47 9.79 1.10
CA LYS B 32 -31.80 11.13 1.56
C LYS B 32 -30.62 12.07 1.33
N LYS B 33 -30.90 13.22 0.72
CA LYS B 33 -29.87 14.23 0.45
C LYS B 33 -29.45 14.90 1.76
N GLU B 34 -28.25 14.61 2.22
CA GLU B 34 -27.65 15.33 3.35
C GLU B 34 -26.15 15.15 3.26
N GLY B 35 -25.41 16.25 3.40
CA GLY B 35 -23.99 16.18 3.21
C GLY B 35 -23.68 15.82 1.77
N SER B 36 -22.45 15.34 1.57
CA SER B 36 -22.03 14.89 0.25
C SER B 36 -22.28 13.39 0.10
N LEU B 37 -22.50 12.98 -1.14
CA LEU B 37 -22.83 11.58 -1.41
C LEU B 37 -21.62 10.66 -1.23
N ASP B 38 -20.44 11.13 -1.65
CA ASP B 38 -19.16 10.41 -1.62
C ASP B 38 -19.32 8.94 -2.02
N LEU B 39 -19.87 8.79 -3.22
CA LEU B 39 -20.01 7.51 -3.90
C LEU B 39 -19.13 7.57 -5.16
N ALA B 40 -18.06 6.78 -5.20
CA ALA B 40 -17.19 6.77 -6.36
C ALA B 40 -17.61 5.66 -7.32
N LEU B 41 -17.48 5.95 -8.62
CA LEU B 41 -17.92 5.05 -9.67
C LEU B 41 -16.74 4.68 -10.54
N GLU B 42 -16.85 3.54 -11.21
CA GLU B 42 -15.88 3.20 -12.24
C GLU B 42 -16.60 2.44 -13.35
N GLY B 43 -15.89 2.15 -14.42
CA GLY B 43 -16.47 1.38 -15.51
C GLY B 43 -16.99 2.28 -16.63
N GLY B 44 -18.26 2.09 -17.01
CA GLY B 44 -18.82 2.77 -18.16
C GLY B 44 -18.77 1.95 -19.44
N VAL B 45 -19.49 2.43 -20.46
CA VAL B 45 -19.55 1.70 -21.74
C VAL B 45 -18.20 1.63 -22.40
N ASP B 46 -17.35 2.63 -22.17
CA ASP B 46 -16.02 2.74 -22.73
C ASP B 46 -14.99 1.91 -21.96
N SER B 47 -15.43 1.03 -21.08
CA SER B 47 -14.54 0.30 -20.19
C SER B 47 -14.72 -1.18 -20.42
N PRO B 48 -13.79 -2.00 -19.95
CA PRO B 48 -13.92 -3.45 -20.18
C PRO B 48 -15.18 -4.08 -19.60
N ILE B 49 -15.78 -3.51 -18.53
CA ILE B 49 -16.95 -4.17 -17.94
C ILE B 49 -18.25 -3.68 -18.53
N GLY B 50 -18.24 -2.60 -19.31
CA GLY B 50 -19.40 -2.22 -20.09
C GLY B 50 -20.62 -1.82 -19.27
N LYS B 51 -20.40 -1.36 -18.04
CA LYS B 51 -21.48 -1.00 -17.12
C LYS B 51 -20.88 -0.13 -16.03
N VAL B 52 -21.74 0.57 -15.30
CA VAL B 52 -21.32 1.53 -14.27
C VAL B 52 -21.38 0.83 -12.92
N VAL B 53 -20.26 0.79 -12.19
CA VAL B 53 -20.27 0.10 -10.90
C VAL B 53 -19.69 1.01 -9.83
N VAL B 54 -20.08 0.73 -8.58
CA VAL B 54 -19.57 1.46 -7.44
C VAL B 54 -18.14 1.02 -7.16
N SER B 55 -17.20 1.96 -7.10
CA SER B 55 -15.82 1.61 -6.80
C SER B 55 -15.44 1.84 -5.34
N ALA B 56 -16.12 2.75 -4.67
CA ALA B 56 -15.84 3.01 -3.26
C ALA B 56 -17.03 3.75 -2.68
N VAL B 57 -17.31 3.46 -1.42
CA VAL B 57 -18.29 4.18 -0.62
C VAL B 57 -17.53 4.77 0.55
N TYR B 58 -17.41 6.10 0.60
CA TYR B 58 -16.60 6.75 1.65
C TYR B 58 -17.40 7.07 2.92
N GLY B 61 -20.65 10.36 5.42
CA GLY B 61 -20.81 9.94 4.03
C GLY B 61 -22.20 9.45 3.68
N ALA B 62 -22.89 10.11 2.74
CA ALA B 62 -24.31 9.83 2.52
C ALA B 62 -24.54 8.42 1.96
N ALA B 63 -23.67 7.96 1.08
CA ALA B 63 -23.81 6.59 0.60
C ALA B 63 -23.57 5.60 1.73
N GLU B 64 -22.44 5.77 2.45
CA GLU B 64 -22.15 4.87 3.56
C GLU B 64 -23.28 4.85 4.58
N ARG B 65 -23.85 6.02 4.91
CA ARG B 65 -24.83 6.13 5.99
C ARG B 65 -26.17 5.48 5.63
N HIS B 66 -26.53 5.43 4.34
CA HIS B 66 -27.78 4.79 3.97
C HIS B 66 -27.69 3.27 4.10
N GLY B 67 -26.49 2.70 3.93
CA GLY B 67 -26.37 1.27 3.68
C GLY B 67 -27.03 0.88 2.35
N GLY B 68 -26.97 -0.41 2.05
CA GLY B 68 -27.64 -0.93 0.88
C GLY B 68 -26.88 -0.81 -0.43
N ILE B 69 -25.80 -0.03 -0.47
CA ILE B 69 -24.98 0.10 -1.68
C ILE B 69 -23.52 -0.06 -1.29
N VAL B 70 -22.80 -0.93 -2.01
CA VAL B 70 -21.43 -1.28 -1.67
C VAL B 70 -20.61 -1.37 -2.94
N LYS B 71 -19.29 -1.38 -2.77
CA LYS B 71 -18.37 -1.58 -3.89
C LYS B 71 -18.75 -2.83 -4.67
N GLY B 72 -18.85 -2.68 -6.00
CA GLY B 72 -19.17 -3.76 -6.91
C GLY B 72 -20.61 -3.75 -7.40
N ASP B 73 -21.53 -3.14 -6.65
CA ASP B 73 -22.91 -2.96 -7.09
C ASP B 73 -22.93 -2.12 -8.36
N GLU B 74 -23.84 -2.44 -9.28
CA GLU B 74 -23.93 -1.71 -10.52
C GLU B 74 -25.00 -0.62 -10.41
N ILE B 75 -24.73 0.58 -10.94
CA ILE B 75 -25.75 1.63 -11.02
C ILE B 75 -26.47 1.47 -12.34
N MET B 76 -27.75 1.12 -12.31
CA MET B 76 -28.47 0.99 -13.58
C MET B 76 -29.35 2.16 -13.91
N ALA B 77 -29.83 2.93 -12.92
CA ALA B 77 -30.63 4.11 -13.23
C ALA B 77 -30.42 5.16 -12.13
N ILE B 78 -30.55 6.42 -12.52
CA ILE B 78 -30.43 7.54 -11.60
C ILE B 78 -31.68 8.39 -11.79
N ASN B 79 -32.49 8.52 -10.73
CA ASN B 79 -33.77 9.21 -10.78
C ASN B 79 -34.57 8.81 -12.01
N GLY B 80 -34.60 7.53 -12.31
CA GLY B 80 -35.42 7.06 -13.40
C GLY B 80 -34.78 7.07 -14.76
N LYS B 81 -33.63 7.72 -14.94
CA LYS B 81 -32.92 7.68 -16.22
C LYS B 81 -31.97 6.49 -16.24
N ILE B 82 -32.10 5.65 -17.25
CA ILE B 82 -31.28 4.44 -17.31
C ILE B 82 -29.87 4.83 -17.76
N VAL B 83 -28.84 4.39 -17.01
CA VAL B 83 -27.47 4.81 -17.30
C VAL B 83 -26.57 3.63 -17.67
N THR B 84 -27.14 2.46 -17.98
CA THR B 84 -26.35 1.28 -18.31
C THR B 84 -25.49 1.48 -19.54
N ASP B 85 -25.86 2.43 -20.40
CA ASP B 85 -25.08 2.72 -21.59
C ASP B 85 -24.30 4.03 -21.49
N TYR B 86 -24.13 4.58 -20.30
CA TYR B 86 -23.37 5.83 -20.14
C TYR B 86 -21.87 5.55 -20.04
N THR B 87 -21.04 6.48 -20.51
CA THR B 87 -19.64 6.45 -20.14
C THR B 87 -19.47 6.76 -18.65
N LEU B 88 -18.27 6.51 -18.12
CA LEU B 88 -18.03 6.83 -16.72
C LEU B 88 -18.28 8.31 -16.44
N ALA B 89 -17.74 9.20 -17.29
CA ALA B 89 -17.88 10.63 -17.06
C ALA B 89 -19.34 11.03 -17.11
N GLU B 90 -20.10 10.46 -18.06
CA GLU B 90 -21.53 10.76 -18.18
C GLU B 90 -22.30 10.31 -16.94
N ALA B 91 -21.96 9.13 -16.41
CA ALA B 91 -22.59 8.60 -15.19
C ALA B 91 -22.24 9.46 -13.98
N GLU B 92 -20.99 9.88 -13.85
CA GLU B 92 -20.64 10.75 -12.73
C GLU B 92 -21.37 12.08 -12.80
N ALA B 93 -21.45 12.68 -13.99
CA ALA B 93 -22.16 13.95 -14.16
C ALA B 93 -23.63 13.82 -13.80
N ALA B 94 -24.27 12.73 -14.25
CA ALA B 94 -25.67 12.47 -13.94
C ALA B 94 -25.88 12.25 -12.44
N LEU B 95 -24.96 11.55 -11.79
CA LEU B 95 -25.07 11.34 -10.35
C LEU B 95 -24.87 12.65 -9.61
N GLN B 96 -23.87 13.45 -10.00
CA GLN B 96 -23.67 14.74 -9.35
C GLN B 96 -24.87 15.67 -9.57
N LYS B 97 -25.38 15.74 -10.80
CA LYS B 97 -26.55 16.57 -11.09
C LYS B 97 -27.73 16.17 -10.23
N ALA B 98 -28.03 14.86 -10.18
CA ALA B 98 -29.15 14.38 -9.38
C ALA B 98 -28.98 14.78 -7.93
N TRP B 99 -27.76 14.64 -7.39
CA TRP B 99 -27.53 15.02 -6.00
C TRP B 99 -27.80 16.51 -5.78
N ASN B 100 -27.30 17.37 -6.68
CA ASN B 100 -27.38 18.82 -6.50
C ASN B 100 -28.78 19.36 -6.77
N GLN B 101 -29.30 19.10 -7.95
CA GLN B 101 -30.60 19.63 -8.34
C GLN B 101 -31.70 18.64 -7.97
N GLY B 102 -32.90 19.18 -7.79
CA GLY B 102 -34.01 18.34 -7.42
C GLY B 102 -34.34 18.39 -5.95
N GLY B 103 -34.93 17.32 -5.43
CA GLY B 103 -35.55 17.37 -4.12
C GLY B 103 -34.79 16.69 -3.00
N ASP B 104 -35.54 16.11 -2.06
CA ASP B 104 -34.96 15.58 -0.83
C ASP B 104 -34.22 14.28 -1.02
N TRP B 105 -34.55 13.50 -2.05
CA TRP B 105 -34.01 12.16 -2.23
C TRP B 105 -33.56 11.94 -3.67
N ILE B 106 -32.60 11.03 -3.84
CA ILE B 106 -32.25 10.49 -5.16
C ILE B 106 -32.65 9.02 -5.17
N ASP B 107 -33.11 8.55 -6.33
CA ASP B 107 -33.49 7.16 -6.56
C ASP B 107 -32.41 6.49 -7.41
N LEU B 108 -31.75 5.48 -6.87
CA LEU B 108 -30.77 4.70 -7.61
C LEU B 108 -31.30 3.29 -7.79
N VAL B 109 -31.43 2.85 -9.03
CA VAL B 109 -31.66 1.44 -9.29
C VAL B 109 -30.31 0.75 -9.44
N VAL B 110 -30.11 -0.32 -8.67
CA VAL B 110 -28.80 -0.97 -8.58
C VAL B 110 -28.98 -2.47 -8.78
N ALA B 111 -27.99 -3.08 -9.43
CA ALA B 111 -27.91 -4.53 -9.48
C ALA B 111 -26.93 -4.91 -8.38
N VAL B 112 -27.44 -5.59 -7.36
CA VAL B 112 -26.62 -5.88 -6.18
C VAL B 112 -25.67 -7.02 -6.52
N CYS B 113 -24.39 -6.81 -6.29
CA CYS B 113 -23.41 -7.84 -6.60
CA CYS B 113 -23.46 -7.87 -6.64
C CYS B 113 -23.57 -9.02 -5.63
N PRO B 114 -23.59 -10.26 -6.10
CA PRO B 114 -23.89 -11.42 -5.23
C PRO B 114 -22.68 -11.80 -4.39
N PRO B 115 -22.85 -12.67 -3.37
CA PRO B 115 -21.71 -13.02 -2.52
C PRO B 115 -20.62 -13.68 -3.35
N LYS B 116 -19.39 -13.46 -2.93
CA LYS B 116 -18.22 -13.98 -3.64
C LYS B 116 -17.93 -15.39 -3.16
N GLU B 117 -17.96 -16.36 -4.07
CA GLU B 117 -17.60 -17.72 -3.69
C GLU B 117 -16.15 -18.03 -4.04
N TYR B 118 -15.29 -17.10 -3.65
CA TYR B 118 -13.86 -17.22 -3.84
C TYR B 118 -13.17 -16.34 -2.81
N ASP B 119 -11.89 -16.58 -2.63
CA ASP B 119 -11.08 -15.84 -1.67
C ASP B 119 -10.56 -14.62 -2.41
N ASP B 120 -11.19 -13.47 -2.17
CA ASP B 120 -10.84 -12.22 -2.83
C ASP B 120 -9.76 -11.45 -2.05
N GLU B 121 -9.06 -12.12 -1.12
CA GLU B 121 -8.10 -11.43 -0.27
C GLU B 121 -6.80 -12.21 -0.16
N LEU B 122 -6.44 -13.01 -1.18
CA LEU B 122 -5.13 -13.68 -1.13
C LEU B 122 -4.03 -12.63 -1.05
N THR B 123 -3.04 -12.84 -0.18
CA THR B 123 -1.94 -11.88 -0.07
C THR B 123 -0.56 -12.45 -0.39
N PHE B 124 -0.47 -13.70 -0.84
CA PHE B 124 0.86 -14.27 -1.07
C PHE B 124 1.55 -13.59 -2.25
N PHE B 125 2.87 -13.50 -2.13
CA PHE B 125 3.72 -13.17 -3.27
C PHE B 125 4.72 -14.31 -3.49
C1 GOL C . 4.52 -13.55 4.81
O1 GOL C . 5.40 -14.14 5.73
C2 GOL C . 3.50 -12.79 5.65
O2 GOL C . 2.49 -13.69 6.04
C3 GOL C . 2.91 -11.66 4.83
O3 GOL C . 1.99 -10.98 5.65
C1 GOL D . 16.40 -12.45 11.14
O1 GOL D . 17.74 -12.49 11.56
C2 GOL D . 16.22 -13.41 9.96
O2 GOL D . 16.08 -12.70 8.75
C3 GOL D . 17.28 -14.47 9.86
O3 GOL D . 16.62 -15.70 9.98
C1 MLT E . -0.85 -0.92 -18.76
O1 MLT E . -0.03 -0.88 -17.82
O2 MLT E . -2.06 -0.68 -18.51
C2 MLT E . -0.42 -1.25 -20.18
O3 MLT E . -0.91 -2.49 -20.61
C3 MLT E . 1.09 -1.21 -20.37
C4 MLT E . 1.46 -1.62 -21.78
O4 MLT E . 1.89 -0.78 -22.61
O5 MLT E . 1.32 -2.80 -22.16
C ACT F . -20.24 -20.15 -17.03
O ACT F . -19.03 -19.93 -16.64
OXT ACT F . -20.43 -20.82 -18.09
CH3 ACT F . -21.44 -19.62 -16.29
C1 GOL G . -25.17 11.41 -21.08
O1 GOL G . -25.88 12.30 -20.25
C2 GOL G . -26.17 10.79 -22.06
O2 GOL G . -26.80 11.84 -22.78
C3 GOL G . -25.43 9.84 -22.99
O3 GOL G . -26.18 9.60 -24.15
#